data_5ANL
#
_entry.id   5ANL
#
_cell.length_a   88.215
_cell.length_b   145.763
_cell.length_c   61.474
_cell.angle_alpha   90.00
_cell.angle_beta   90.00
_cell.angle_gamma   90.00
#
_symmetry.space_group_name_H-M   'P 21 21 2'
#
loop_
_entity.id
_entity.type
_entity.pdbx_description
1 polymer 'PHOSPHATIDYLINOSITOL 3-KINASE CATALYTIC SUBUNIT TYPE 3'
2 non-polymer (8S)-2-(morpholin-4-yl)-9-[2-(propan-2-yloxy)ethyl]-8-(trifluoromethyl)-6,7,8,9-tetrahydro-4H-pyrimido[1,2-a]pyrimidin-4-one
3 water water
#
_entity_poly.entity_id   1
_entity_poly.type   'polypeptide(L)'
_entity_poly.pdbx_seq_one_letter_code
;GAMSDHDLKPNAATRDQLNIIVSYPPTKQLTYEEQDLVWKFRYYLTNQEKALTKFLKCVNWDLPQEAKQALELLGKWKPM
DVEDSLELLSSHYTNPTVRRYAVARLRQADDEDLLMYLLQLVQALKYENFDDIKNGLEPTKKDSQSSVSENVSNSGINSA
EIDSSQIITSPLPSVSSPPPASKTKEVPDGENLEQDLCTFLISRACKNSTLANYLYWYVIVECEDQDTQQRDPKTHEMYL
NVMRRFSQALLKGDKSVRVMRSLLAAQQTFVDRLVHLMKAVQRESGNRKKKNERLQALLGDNEKMNLSDVELIPLPLEPQ
VKIRGIIPETATLFKSALMPAQLFFKTEDGGKYPVIFKHGDDLRQDQLILQIISLMDKLLRKENLDLKLTPYKVLATSTK
HGFMQFIQSVPVAEVLDTEGSIQNFFRKYAPSENGPNGISAEVMDTYVKSCAGYCVITYILGVGDRHLDNLLLTKTGKLF
HIDFGYILGRDPKPLPPPMKLNKEMVEGMGGTQSEQYQEFRKQCYTAFLHLRRYSNLILNLFSLMVDANIPDIALEPDKT
VKKVQDKFRLDLSDEEAVHYMQSLIDESVHALFAAVVEQIH
;
_entity_poly.pdbx_strand_id   A
#
loop_
_chem_comp.id
_chem_comp.type
_chem_comp.name
_chem_comp.formula
RBQ non-polymer (8S)-2-(morpholin-4-yl)-9-[2-(propan-2-yloxy)ethyl]-8-(trifluoromethyl)-6,7,8,9-tetrahydro-4H-pyrimido[1,2-a]pyrimidin-4-one 'C17 H25 F3 N4 O3'
#
# COMPACT_ATOMS: atom_id res chain seq x y z
N LEU A 8 -10.70 0.37 -42.41
CA LEU A 8 -11.40 1.70 -42.35
C LEU A 8 -10.55 2.83 -41.72
N LYS A 9 -10.19 3.83 -42.52
CA LYS A 9 -9.30 4.90 -42.07
C LYS A 9 -10.11 6.17 -41.83
N PRO A 10 -10.10 6.68 -40.59
CA PRO A 10 -10.83 7.89 -40.26
C PRO A 10 -10.10 9.14 -40.78
N ASN A 11 -10.85 10.21 -41.02
CA ASN A 11 -10.22 11.45 -41.52
C ASN A 11 -9.56 12.19 -40.38
N ALA A 12 -8.79 13.21 -40.72
CA ALA A 12 -7.85 13.77 -39.77
C ALA A 12 -8.58 14.45 -38.62
N ALA A 13 -9.77 14.96 -38.89
CA ALA A 13 -10.56 15.67 -37.90
C ALA A 13 -11.06 14.74 -36.79
N THR A 14 -11.41 13.52 -37.17
CA THR A 14 -11.91 12.53 -36.24
C THR A 14 -10.72 11.88 -35.54
N ARG A 15 -9.68 11.54 -36.31
CA ARG A 15 -8.43 11.03 -35.73
C ARG A 15 -7.98 11.82 -34.53
N ASP A 16 -8.06 13.14 -34.66
CA ASP A 16 -7.83 14.02 -33.54
C ASP A 16 -8.84 13.81 -32.42
N GLN A 17 -10.13 13.73 -32.74
CA GLN A 17 -11.17 13.45 -31.73
C GLN A 17 -10.96 12.13 -30.99
N LEU A 18 -10.51 11.12 -31.74
CA LEU A 18 -10.19 9.84 -31.14
C LEU A 18 -9.05 10.03 -30.18
N ASN A 19 -8.02 10.74 -30.61
CA ASN A 19 -6.93 11.06 -29.72
C ASN A 19 -7.37 11.72 -28.41
N ILE A 20 -8.32 12.63 -28.47
CA ILE A 20 -8.82 13.27 -27.27
C ILE A 20 -9.35 12.17 -26.38
N ILE A 21 -10.15 11.30 -26.96
CA ILE A 21 -10.82 10.27 -26.16
C ILE A 21 -9.82 9.37 -25.49
N VAL A 22 -8.82 8.92 -26.23
CA VAL A 22 -7.84 8.01 -25.67
C VAL A 22 -7.01 8.65 -24.55
N SER A 23 -6.82 9.96 -24.65
CA SER A 23 -6.10 10.74 -23.65
C SER A 23 -6.83 10.87 -22.31
N TYR A 24 -8.08 10.41 -22.24
CA TYR A 24 -8.83 10.48 -21.00
C TYR A 24 -8.20 9.70 -19.84
N PRO A 25 -8.51 10.12 -18.60
CA PRO A 25 -8.12 9.34 -17.44
C PRO A 25 -8.87 8.03 -17.45
N PRO A 26 -8.25 6.92 -16.99
CA PRO A 26 -8.96 5.65 -17.04
C PRO A 26 -10.29 5.71 -16.31
N THR A 27 -10.50 6.77 -15.55
CA THR A 27 -11.72 6.92 -14.80
C THR A 27 -12.69 7.94 -15.38
N LYS A 28 -12.58 8.28 -16.65
CA LYS A 28 -13.65 9.09 -17.24
C LYS A 28 -14.61 8.17 -17.91
N GLN A 29 -15.91 8.41 -17.70
CA GLN A 29 -16.95 7.64 -18.37
C GLN A 29 -17.26 8.22 -19.76
N LEU A 30 -16.87 7.50 -20.82
CA LEU A 30 -17.23 7.86 -22.21
C LEU A 30 -18.74 7.92 -22.45
N THR A 31 -19.20 8.84 -23.28
CA THR A 31 -20.63 8.96 -23.67
C THR A 31 -20.97 7.91 -24.73
N TYR A 32 -22.26 7.77 -25.02
CA TYR A 32 -22.71 6.81 -26.05
C TYR A 32 -22.16 7.20 -27.42
N GLU A 33 -22.27 8.49 -27.76
CA GLU A 33 -21.73 9.04 -29.04
C GLU A 33 -20.22 8.64 -29.09
N GLU A 34 -19.53 8.85 -27.96
CA GLU A 34 -18.10 8.61 -27.91
C GLU A 34 -17.76 7.16 -28.11
N GLN A 35 -18.54 6.27 -27.52
CA GLN A 35 -18.32 4.85 -27.72
C GLN A 35 -18.60 4.37 -29.15
N ASP A 36 -19.75 4.79 -29.71
CA ASP A 36 -20.05 4.43 -31.09
C ASP A 36 -18.92 4.87 -32.01
N LEU A 37 -18.28 5.99 -31.70
CA LEU A 37 -17.17 6.43 -32.51
C LEU A 37 -15.94 5.56 -32.36
N VAL A 38 -15.56 5.29 -31.13
CA VAL A 38 -14.42 4.42 -30.88
C VAL A 38 -14.74 3.07 -31.47
N TRP A 39 -15.96 2.61 -31.29
CA TRP A 39 -16.30 1.33 -31.88
C TRP A 39 -16.19 1.38 -33.39
N LYS A 40 -16.71 2.42 -34.02
CA LYS A 40 -16.68 2.50 -35.49
C LYS A 40 -15.28 2.30 -36.06
N PHE A 41 -14.26 2.84 -35.38
CA PHE A 41 -12.87 2.84 -35.86
C PHE A 41 -11.92 1.93 -35.04
N ARG A 42 -12.53 1.02 -34.30
CA ARG A 42 -11.79 0.02 -33.58
C ARG A 42 -10.63 -0.60 -34.34
N TYR A 43 -10.78 -0.93 -35.61
CA TYR A 43 -9.67 -1.53 -36.37
C TYR A 43 -8.51 -0.58 -36.62
N TYR A 44 -8.80 0.69 -36.90
CA TYR A 44 -7.74 1.68 -37.00
C TYR A 44 -7.01 1.89 -35.66
N LEU A 45 -7.76 1.79 -34.55
CA LEU A 45 -7.21 2.03 -33.22
C LEU A 45 -6.30 0.91 -32.77
N THR A 46 -6.43 -0.26 -33.39
CA THR A 46 -5.59 -1.40 -33.07
C THR A 46 -4.10 -1.03 -32.84
N ASN A 47 -3.58 -0.06 -33.61
CA ASN A 47 -2.21 0.51 -33.45
C ASN A 47 -1.82 1.06 -32.09
N GLN A 48 -2.80 1.49 -31.32
CA GLN A 48 -2.54 2.29 -30.17
C GLN A 48 -2.82 1.49 -28.92
N GLU A 49 -1.72 0.96 -28.34
CA GLU A 49 -1.74 0.24 -27.06
C GLU A 49 -2.57 1.00 -26.06
N LYS A 50 -2.45 2.32 -26.15
CA LYS A 50 -3.11 3.27 -25.26
C LYS A 50 -4.64 3.27 -25.38
N ALA A 51 -5.16 2.82 -26.53
CA ALA A 51 -6.59 2.89 -26.92
C ALA A 51 -7.46 1.67 -26.54
N LEU A 52 -6.82 0.53 -26.35
CA LEU A 52 -7.48 -0.71 -25.96
C LEU A 52 -8.42 -0.59 -24.75
N THR A 53 -7.94 0.09 -23.72
CA THR A 53 -8.64 0.16 -22.47
C THR A 53 -9.96 0.87 -22.70
N LYS A 54 -9.92 1.88 -23.58
CA LYS A 54 -11.09 2.71 -23.86
C LYS A 54 -11.99 1.94 -24.81
N PHE A 55 -11.37 1.21 -25.72
CA PHE A 55 -12.12 0.27 -26.55
C PHE A 55 -12.96 -0.75 -25.75
N LEU A 56 -12.35 -1.36 -24.74
CA LEU A 56 -13.07 -2.36 -23.94
C LEU A 56 -14.08 -1.70 -23.03
N LYS A 57 -13.94 -0.40 -22.81
CA LYS A 57 -14.98 0.36 -22.13
C LYS A 57 -16.20 0.47 -23.04
N CYS A 58 -16.00 0.38 -24.35
CA CYS A 58 -17.08 0.48 -25.36
C CYS A 58 -17.98 -0.73 -25.56
N VAL A 59 -17.73 -1.79 -24.81
CA VAL A 59 -18.37 -3.06 -25.03
C VAL A 59 -19.38 -3.24 -23.91
N ASN A 60 -20.53 -3.80 -24.26
CA ASN A 60 -21.54 -4.22 -23.30
C ASN A 60 -21.41 -5.72 -23.06
N TRP A 61 -20.70 -6.11 -22.02
CA TRP A 61 -20.28 -7.51 -21.84
C TRP A 61 -21.43 -8.49 -21.62
N ASP A 62 -22.63 -7.94 -21.46
CA ASP A 62 -23.82 -8.76 -21.31
C ASP A 62 -24.39 -9.24 -22.66
N LEU A 63 -23.83 -8.74 -23.76
CA LEU A 63 -24.23 -9.13 -25.10
C LEU A 63 -23.19 -10.08 -25.73
N PRO A 64 -23.43 -11.39 -25.64
CA PRO A 64 -22.45 -12.36 -26.09
C PRO A 64 -21.81 -12.06 -27.44
N GLN A 65 -22.58 -11.70 -28.45
CA GLN A 65 -21.94 -11.46 -29.74
C GLN A 65 -21.03 -10.23 -29.65
N GLU A 66 -21.41 -9.22 -28.89
CA GLU A 66 -20.55 -8.06 -28.76
C GLU A 66 -19.23 -8.43 -28.05
N ALA A 67 -19.30 -9.34 -27.08
CA ALA A 67 -18.12 -9.80 -26.39
C ALA A 67 -17.20 -10.61 -27.31
N LYS A 68 -17.74 -11.62 -27.97
CA LYS A 68 -16.99 -12.40 -28.96
C LYS A 68 -16.26 -11.49 -29.92
N GLN A 69 -16.96 -10.42 -30.34
CA GLN A 69 -16.43 -9.48 -31.33
C GLN A 69 -15.26 -8.73 -30.76
N ALA A 70 -15.47 -8.19 -29.56
CA ALA A 70 -14.41 -7.48 -28.85
C ALA A 70 -13.18 -8.37 -28.68
N LEU A 71 -13.37 -9.58 -28.19
CA LEU A 71 -12.28 -10.51 -27.92
C LEU A 71 -11.47 -10.88 -29.14
N GLU A 72 -12.07 -10.85 -30.31
CA GLU A 72 -11.29 -11.06 -31.51
C GLU A 72 -10.19 -10.03 -31.55
N LEU A 73 -10.54 -8.78 -31.35
CA LEU A 73 -9.62 -7.66 -31.48
C LEU A 73 -8.47 -7.66 -30.48
N LEU A 74 -8.83 -7.84 -29.22
CA LEU A 74 -7.90 -8.05 -28.13
C LEU A 74 -6.71 -8.87 -28.58
N GLY A 75 -6.98 -9.99 -29.26
CA GLY A 75 -5.93 -10.85 -29.77
C GLY A 75 -5.12 -10.26 -30.90
N LYS A 76 -5.55 -9.12 -31.43
CA LYS A 76 -4.90 -8.46 -32.57
C LYS A 76 -4.25 -7.14 -32.18
N TRP A 77 -4.70 -6.56 -31.07
CA TRP A 77 -4.28 -5.24 -30.60
C TRP A 77 -2.81 -5.17 -30.18
N LYS A 78 -2.23 -3.99 -30.35
CA LYS A 78 -0.89 -3.71 -29.84
C LYS A 78 -0.96 -4.03 -28.34
N PRO A 79 -0.07 -4.89 -27.85
CA PRO A 79 -0.37 -5.35 -26.50
C PRO A 79 -0.18 -4.27 -25.46
N MET A 80 -0.98 -4.32 -24.41
CA MET A 80 -1.01 -3.24 -23.45
C MET A 80 0.11 -3.25 -22.43
N ASP A 81 0.27 -2.11 -21.79
CA ASP A 81 1.22 -1.96 -20.70
C ASP A 81 0.85 -2.84 -19.54
N VAL A 82 1.78 -2.98 -18.60
CA VAL A 82 1.46 -3.54 -17.32
C VAL A 82 0.43 -2.71 -16.57
N GLU A 83 0.65 -1.41 -16.50
CA GLU A 83 -0.19 -0.52 -15.68
C GLU A 83 -1.63 -0.47 -16.19
N ASP A 84 -1.84 -0.74 -17.48
CA ASP A 84 -3.18 -0.74 -18.07
C ASP A 84 -3.89 -2.05 -17.76
N SER A 85 -3.14 -3.15 -17.75
CA SER A 85 -3.68 -4.44 -17.30
C SER A 85 -4.39 -4.38 -15.95
N LEU A 86 -3.92 -3.61 -14.98
CA LEU A 86 -4.65 -3.55 -13.72
C LEU A 86 -6.08 -2.99 -13.89
N GLU A 87 -6.34 -2.33 -15.01
CA GLU A 87 -7.67 -1.82 -15.28
C GLU A 87 -8.58 -2.99 -15.62
N LEU A 88 -8.02 -3.94 -16.35
CA LEU A 88 -8.80 -5.08 -16.74
C LEU A 88 -9.16 -6.02 -15.60
N LEU A 89 -8.40 -6.05 -14.50
CA LEU A 89 -8.71 -6.95 -13.38
C LEU A 89 -9.66 -6.37 -12.34
N SER A 90 -10.22 -5.20 -12.61
CA SER A 90 -11.18 -4.57 -11.71
C SER A 90 -12.56 -5.15 -11.91
N SER A 91 -13.53 -4.65 -11.17
CA SER A 91 -14.86 -5.23 -11.24
C SER A 91 -15.58 -4.99 -12.55
N HIS A 92 -15.22 -3.95 -13.30
CA HIS A 92 -15.94 -3.72 -14.56
C HIS A 92 -15.90 -4.95 -15.45
N TYR A 93 -14.82 -5.73 -15.35
CA TYR A 93 -14.60 -6.82 -16.29
C TYR A 93 -14.77 -8.21 -15.67
N THR A 94 -15.91 -8.83 -15.91
CA THR A 94 -16.14 -10.22 -15.51
C THR A 94 -15.71 -11.23 -16.58
N ASN A 95 -15.48 -10.75 -17.81
CA ASN A 95 -15.30 -11.69 -18.91
C ASN A 95 -14.01 -12.47 -18.71
N PRO A 96 -14.09 -13.79 -18.48
CA PRO A 96 -12.86 -14.56 -18.23
C PRO A 96 -11.75 -14.45 -19.29
N THR A 97 -12.10 -14.24 -20.54
CA THR A 97 -11.07 -14.16 -21.57
C THR A 97 -10.28 -12.87 -21.40
N VAL A 98 -10.98 -11.80 -21.03
CA VAL A 98 -10.39 -10.49 -20.79
C VAL A 98 -9.39 -10.57 -19.65
N ARG A 99 -9.86 -11.10 -18.55
CA ARG A 99 -9.07 -11.19 -17.34
C ARG A 99 -7.88 -12.13 -17.52
N ARG A 100 -8.05 -13.14 -18.38
CA ARG A 100 -6.95 -14.03 -18.74
C ARG A 100 -5.97 -13.23 -19.61
N TYR A 101 -6.46 -12.41 -20.52
CA TYR A 101 -5.57 -11.47 -21.23
C TYR A 101 -4.73 -10.51 -20.31
N ALA A 102 -5.32 -10.04 -19.22
CA ALA A 102 -4.63 -9.14 -18.29
C ALA A 102 -3.51 -9.85 -17.53
N VAL A 103 -3.81 -11.04 -17.04
CA VAL A 103 -2.84 -11.87 -16.36
C VAL A 103 -1.68 -12.17 -17.29
N ALA A 104 -1.99 -12.33 -18.57
CA ALA A 104 -1.01 -12.65 -19.57
C ALA A 104 -0.01 -11.53 -19.75
N ARG A 105 -0.42 -10.28 -19.54
CA ARG A 105 0.52 -9.17 -19.65
C ARG A 105 1.21 -8.81 -18.32
N LEU A 106 0.59 -9.19 -17.20
CA LEU A 106 1.21 -9.09 -15.88
C LEU A 106 2.32 -10.10 -15.72
N ARG A 107 2.20 -11.28 -16.34
CA ARG A 107 3.31 -12.24 -16.42
C ARG A 107 4.59 -11.47 -16.79
N GLN A 108 4.45 -10.46 -17.64
CA GLN A 108 5.60 -9.76 -18.19
C GLN A 108 6.32 -8.97 -17.12
N ALA A 109 5.66 -8.62 -16.05
CA ALA A 109 6.27 -7.80 -15.01
C ALA A 109 7.25 -8.57 -14.17
N ASP A 110 8.24 -7.87 -13.61
CA ASP A 110 9.17 -8.43 -12.64
C ASP A 110 8.43 -8.63 -11.30
N ASP A 111 8.93 -9.55 -10.47
CA ASP A 111 8.38 -9.73 -9.14
C ASP A 111 8.46 -8.47 -8.25
N GLU A 112 9.50 -7.65 -8.42
CA GLU A 112 9.58 -6.36 -7.69
C GLU A 112 8.32 -5.55 -7.94
N ASP A 113 7.88 -5.55 -9.20
CA ASP A 113 6.67 -4.83 -9.56
C ASP A 113 5.40 -5.53 -9.11
N LEU A 114 5.31 -6.83 -9.29
CA LEU A 114 4.15 -7.55 -8.77
C LEU A 114 3.95 -7.17 -7.33
N LEU A 115 4.99 -7.32 -6.48
CA LEU A 115 4.88 -7.02 -5.04
C LEU A 115 4.21 -5.70 -4.72
N MET A 116 4.53 -4.70 -5.53
CA MET A 116 3.98 -3.39 -5.29
C MET A 116 2.51 -3.30 -5.63
N TYR A 117 2.01 -4.15 -6.51
CA TYR A 117 0.56 -4.22 -6.79
C TYR A 117 -0.17 -5.41 -6.14
N LEU A 118 0.54 -6.24 -5.35
CA LEU A 118 -0.01 -7.54 -4.94
C LEU A 118 -1.23 -7.42 -4.01
N LEU A 119 -1.17 -6.44 -3.11
CA LEU A 119 -2.30 -6.13 -2.27
C LEU A 119 -3.51 -5.92 -3.11
N GLN A 120 -3.36 -5.21 -4.21
CA GLN A 120 -4.50 -4.97 -5.13
C GLN A 120 -4.90 -6.24 -5.86
N LEU A 121 -3.95 -7.01 -6.35
CA LEU A 121 -4.29 -8.22 -7.09
C LEU A 121 -5.05 -9.26 -6.27
N VAL A 122 -4.74 -9.36 -5.00
CA VAL A 122 -5.51 -10.21 -4.10
C VAL A 122 -6.99 -9.78 -4.02
N GLN A 123 -7.24 -8.48 -4.11
CA GLN A 123 -8.62 -8.01 -4.18
C GLN A 123 -9.26 -8.39 -5.52
N ALA A 124 -8.48 -8.29 -6.56
CA ALA A 124 -8.94 -8.66 -7.85
C ALA A 124 -9.44 -10.08 -7.89
N LEU A 125 -9.00 -10.93 -6.99
CA LEU A 125 -9.58 -12.28 -6.93
C LEU A 125 -11.12 -12.26 -6.83
N LYS A 126 -11.67 -11.26 -6.12
CA LYS A 126 -13.10 -11.22 -5.88
C LYS A 126 -13.92 -11.23 -7.17
N TYR A 127 -13.30 -10.77 -8.26
CA TYR A 127 -13.98 -10.64 -9.53
C TYR A 127 -13.66 -11.79 -10.48
N GLU A 128 -12.93 -12.76 -9.94
CA GLU A 128 -12.53 -13.95 -10.70
C GLU A 128 -13.61 -15.05 -10.68
N ASN A 129 -13.37 -16.11 -11.44
CA ASN A 129 -14.34 -17.18 -11.50
C ASN A 129 -14.18 -18.24 -10.39
N PHE A 130 -15.09 -18.19 -9.42
CA PHE A 130 -15.01 -19.04 -8.23
C PHE A 130 -15.09 -20.52 -8.56
N ASP A 131 -15.75 -20.88 -9.64
CA ASP A 131 -15.83 -22.29 -10.00
C ASP A 131 -14.48 -22.79 -10.54
N ASP A 132 -13.82 -22.01 -11.37
CA ASP A 132 -12.51 -22.39 -11.88
C ASP A 132 -11.49 -22.59 -10.73
N ILE A 133 -11.57 -21.68 -9.74
CA ILE A 133 -10.67 -21.68 -8.57
C ILE A 133 -10.88 -22.92 -7.75
N LYS A 134 -12.12 -23.16 -7.35
CA LYS A 134 -12.47 -24.33 -6.56
C LYS A 134 -12.11 -25.65 -7.24
N ASN A 135 -12.36 -25.75 -8.53
CA ASN A 135 -12.07 -26.99 -9.24
C ASN A 135 -10.61 -27.23 -9.56
N GLY A 136 -9.74 -26.27 -9.26
CA GLY A 136 -8.30 -26.53 -9.19
C GLY A 136 -7.87 -27.40 -8.00
N LEU A 137 -8.76 -27.55 -7.02
CA LEU A 137 -8.51 -28.40 -5.87
C LEU A 137 -8.47 -29.88 -6.22
N GLU A 138 -7.82 -30.66 -5.36
CA GLU A 138 -7.64 -32.11 -5.57
C GLU A 138 -7.79 -32.93 -4.28
N GLU A 161 -16.07 -23.29 10.28
CA GLU A 161 -16.02 -24.58 9.60
C GLU A 161 -14.57 -25.07 9.23
N ILE A 162 -13.89 -24.26 8.42
CA ILE A 162 -12.49 -24.44 8.05
C ILE A 162 -11.77 -23.18 8.52
N ASP A 163 -10.89 -23.29 9.52
CA ASP A 163 -10.16 -22.11 9.97
C ASP A 163 -9.03 -21.83 8.98
N SER A 164 -9.06 -20.64 8.40
CA SER A 164 -8.08 -20.20 7.41
C SER A 164 -6.67 -20.39 7.93
N SER A 165 -6.47 -20.16 9.22
CA SER A 165 -5.13 -20.25 9.81
C SER A 165 -4.70 -21.66 10.11
N GLN A 166 -5.62 -22.60 10.00
CA GLN A 166 -5.30 -24.01 10.18
C GLN A 166 -4.75 -24.62 8.90
N ILE A 167 -5.10 -24.07 7.76
CA ILE A 167 -4.80 -24.71 6.48
C ILE A 167 -3.29 -25.00 6.22
N ILE A 168 -2.45 -24.01 6.44
CA ILE A 168 -0.99 -24.18 6.33
C ILE A 168 -0.37 -25.01 7.42
N THR A 169 -0.98 -24.98 8.60
CA THR A 169 -0.48 -25.76 9.71
C THR A 169 -0.93 -27.23 9.66
N SER A 170 -1.71 -27.60 8.65
CA SER A 170 -2.40 -28.88 8.63
C SER A 170 -2.20 -29.55 7.28
N PRO A 171 -0.98 -29.97 6.99
CA PRO A 171 -0.74 -30.60 5.69
C PRO A 171 -1.23 -32.04 5.58
N LEU A 172 -1.80 -32.36 4.43
CA LEU A 172 -2.27 -33.70 4.17
C LEU A 172 -1.11 -34.62 3.83
N PRO A 173 -1.01 -35.77 4.56
CA PRO A 173 0.00 -36.83 4.30
C PRO A 173 -0.29 -37.69 3.06
N LEU A 193 -2.70 -16.78 -22.02
CA LEU A 193 -4.13 -16.85 -21.69
C LEU A 193 -4.59 -18.28 -21.26
N GLU A 194 -3.65 -19.07 -20.72
CA GLU A 194 -4.00 -20.39 -20.17
C GLU A 194 -4.33 -20.24 -18.66
N GLN A 195 -3.59 -19.38 -17.95
CA GLN A 195 -3.78 -19.15 -16.51
C GLN A 195 -4.76 -18.05 -16.14
N ASP A 196 -5.64 -18.36 -15.20
CA ASP A 196 -6.40 -17.34 -14.47
C ASP A 196 -5.45 -16.70 -13.45
N LEU A 197 -5.98 -15.88 -12.55
CA LEU A 197 -5.16 -15.07 -11.65
C LEU A 197 -4.63 -15.89 -10.47
N CYS A 198 -5.54 -16.57 -9.80
CA CYS A 198 -5.20 -17.49 -8.71
C CYS A 198 -4.06 -18.40 -9.13
N THR A 199 -4.19 -19.03 -10.28
CA THR A 199 -3.13 -19.94 -10.72
C THR A 199 -1.82 -19.21 -10.84
N PHE A 200 -1.84 -18.07 -11.51
CA PHE A 200 -0.67 -17.24 -11.75
C PHE A 200 0.02 -16.75 -10.48
N LEU A 201 -0.77 -16.22 -9.53
CA LEU A 201 -0.22 -15.73 -8.29
C LEU A 201 0.54 -16.82 -7.51
N ILE A 202 -0.09 -17.99 -7.42
CA ILE A 202 0.51 -19.15 -6.76
C ILE A 202 1.72 -19.64 -7.48
N SER A 203 1.63 -19.72 -8.80
CA SER A 203 2.76 -20.14 -9.61
C SER A 203 4.00 -19.25 -9.37
N ARG A 204 3.77 -17.95 -9.21
CA ARG A 204 4.87 -17.01 -9.04
C ARG A 204 5.35 -17.02 -7.62
N ALA A 205 4.41 -17.24 -6.69
CA ALA A 205 4.74 -17.31 -5.27
C ALA A 205 5.54 -18.56 -4.98
N CYS A 206 5.28 -19.62 -5.73
CA CYS A 206 6.05 -20.83 -5.55
C CYS A 206 7.52 -20.63 -5.88
N LYS A 207 7.83 -19.69 -6.78
CA LYS A 207 9.24 -19.40 -7.15
C LYS A 207 9.93 -18.28 -6.35
N ASN A 208 9.22 -17.64 -5.44
CA ASN A 208 9.73 -16.42 -4.85
C ASN A 208 9.24 -16.33 -3.47
N SER A 209 10.13 -16.54 -2.50
CA SER A 209 9.68 -16.67 -1.12
C SER A 209 9.12 -15.36 -0.55
N THR A 210 9.66 -14.24 -0.98
CA THR A 210 9.16 -12.96 -0.51
C THR A 210 7.71 -12.74 -0.92
N LEU A 211 7.42 -13.05 -2.17
CA LEU A 211 6.11 -12.90 -2.75
C LEU A 211 5.13 -13.83 -2.05
N ALA A 212 5.58 -15.05 -1.80
CA ALA A 212 4.73 -16.06 -1.18
C ALA A 212 4.26 -15.61 0.19
N ASN A 213 5.15 -14.98 0.92
CA ASN A 213 4.88 -14.52 2.23
C ASN A 213 3.73 -13.53 2.29
N TYR A 214 3.75 -12.58 1.38
CA TYR A 214 2.75 -11.55 1.30
C TYR A 214 1.46 -12.14 0.74
N LEU A 215 1.58 -13.00 -0.27
CA LEU A 215 0.40 -13.63 -0.81
C LEU A 215 -0.33 -14.31 0.34
N TYR A 216 0.46 -14.97 1.20
CA TYR A 216 -0.11 -15.81 2.24
C TYR A 216 -0.84 -14.94 3.22
N TRP A 217 -0.20 -13.89 3.68
CA TRP A 217 -0.85 -13.08 4.69
C TRP A 217 -1.97 -12.23 4.13
N TYR A 218 -1.86 -11.81 2.88
CA TYR A 218 -2.93 -11.02 2.28
C TYR A 218 -4.20 -11.83 2.11
N VAL A 219 -4.05 -13.12 1.86
CA VAL A 219 -5.20 -14.00 1.64
C VAL A 219 -5.82 -14.42 2.98
N ILE A 220 -4.99 -14.73 3.98
CA ILE A 220 -5.44 -14.96 5.36
C ILE A 220 -6.37 -13.85 5.87
N VAL A 221 -5.97 -12.61 5.59
CA VAL A 221 -6.69 -11.48 6.06
C VAL A 221 -7.96 -11.34 5.25
N GLU A 222 -7.92 -11.64 3.96
CA GLU A 222 -9.18 -11.70 3.22
C GLU A 222 -10.08 -12.82 3.79
N CYS A 223 -9.52 -14.00 4.10
CA CYS A 223 -10.31 -15.05 4.77
C CYS A 223 -10.85 -14.64 6.12
N GLU A 224 -10.12 -13.80 6.83
CA GLU A 224 -10.48 -13.49 8.17
C GLU A 224 -11.62 -12.44 8.17
N ASP A 225 -11.83 -11.77 7.04
CA ASP A 225 -12.79 -10.66 6.96
C ASP A 225 -14.24 -11.07 7.31
N GLN A 226 -14.69 -10.63 8.49
CA GLN A 226 -16.02 -10.95 9.03
C GLN A 226 -17.12 -10.39 8.12
N ASP A 227 -16.96 -9.19 7.62
CA ASP A 227 -17.96 -8.56 6.77
C ASP A 227 -18.22 -9.35 5.47
N THR A 228 -17.16 -9.76 4.81
CA THR A 228 -17.23 -10.57 3.60
C THR A 228 -17.91 -11.91 3.82
N GLN A 229 -17.60 -12.52 4.96
CA GLN A 229 -18.20 -13.79 5.36
C GLN A 229 -19.72 -13.70 5.46
N GLN A 230 -20.22 -12.73 6.21
CA GLN A 230 -21.65 -12.56 6.38
C GLN A 230 -22.31 -12.05 5.11
N ARG A 231 -21.73 -11.06 4.44
CA ARG A 231 -22.38 -10.42 3.30
C ARG A 231 -22.11 -11.11 1.93
N ASP A 232 -20.98 -11.80 1.78
CA ASP A 232 -20.64 -12.49 0.51
C ASP A 232 -19.97 -13.84 0.75
N PRO A 233 -20.69 -14.78 1.39
CA PRO A 233 -20.14 -16.08 1.76
C PRO A 233 -19.43 -16.80 0.63
N LYS A 234 -19.95 -16.65 -0.58
CA LYS A 234 -19.38 -17.32 -1.75
C LYS A 234 -17.95 -16.79 -1.97
N THR A 235 -17.75 -15.52 -1.62
CA THR A 235 -16.45 -14.88 -1.74
C THR A 235 -15.48 -15.34 -0.66
N HIS A 236 -15.94 -15.38 0.57
CA HIS A 236 -15.26 -16.11 1.64
C HIS A 236 -14.74 -17.50 1.27
N GLU A 237 -15.51 -18.28 0.53
CA GLU A 237 -15.04 -19.62 0.16
C GLU A 237 -13.92 -19.54 -0.84
N MET A 238 -14.08 -18.58 -1.75
CA MET A 238 -13.15 -18.40 -2.88
C MET A 238 -11.77 -18.19 -2.32
N TYR A 239 -11.69 -17.40 -1.26
CA TYR A 239 -10.42 -17.16 -0.55
C TYR A 239 -9.91 -18.37 0.22
N LEU A 240 -10.81 -19.08 0.91
CA LEU A 240 -10.44 -20.34 1.56
C LEU A 240 -9.85 -21.22 0.49
N ASN A 241 -10.54 -21.32 -0.62
CA ASN A 241 -10.08 -22.17 -1.68
C ASN A 241 -8.73 -21.74 -2.23
N VAL A 242 -8.50 -20.44 -2.27
CA VAL A 242 -7.25 -19.97 -2.78
C VAL A 242 -6.14 -20.41 -1.85
N MET A 243 -6.39 -20.34 -0.55
CA MET A 243 -5.36 -20.68 0.41
C MET A 243 -5.07 -22.15 0.29
N ARG A 244 -6.11 -22.94 0.01
CA ARG A 244 -5.95 -24.40 -0.05
C ARG A 244 -5.23 -24.78 -1.32
N ARG A 245 -5.45 -24.03 -2.35
CA ARG A 245 -4.73 -24.25 -3.58
C ARG A 245 -3.26 -23.87 -3.47
N PHE A 246 -3.01 -22.85 -2.67
CA PHE A 246 -1.68 -22.42 -2.39
C PHE A 246 -1.03 -23.50 -1.53
N SER A 247 -1.70 -23.90 -0.47
CA SER A 247 -1.19 -25.02 0.35
C SER A 247 -0.89 -26.26 -0.49
N GLN A 248 -1.79 -26.58 -1.41
CA GLN A 248 -1.69 -27.73 -2.30
C GLN A 248 -0.54 -27.61 -3.27
N ALA A 249 -0.36 -26.41 -3.81
CA ALA A 249 0.65 -26.18 -4.83
C ALA A 249 2.03 -26.23 -4.21
N LEU A 250 2.15 -25.80 -2.96
CA LEU A 250 3.43 -25.90 -2.25
C LEU A 250 3.85 -27.34 -2.04
N LEU A 251 2.91 -28.16 -1.57
CA LEU A 251 3.23 -29.54 -1.23
C LEU A 251 3.62 -30.37 -2.50
N LYS A 252 3.07 -30.01 -3.66
CA LYS A 252 3.44 -30.62 -4.92
C LYS A 252 4.90 -30.32 -5.24
N GLY A 253 5.46 -29.28 -4.65
CA GLY A 253 6.74 -28.73 -5.11
C GLY A 253 8.00 -29.44 -4.67
N ASP A 254 9.16 -28.96 -5.16
CA ASP A 254 10.49 -29.57 -4.91
C ASP A 254 10.95 -29.33 -3.47
N LYS A 255 12.19 -29.68 -3.15
CA LYS A 255 12.68 -29.61 -1.75
C LYS A 255 12.47 -28.21 -1.18
N SER A 256 12.92 -27.20 -1.92
CA SER A 256 12.86 -25.81 -1.45
C SER A 256 11.42 -25.29 -1.29
N VAL A 257 10.52 -25.71 -2.18
CA VAL A 257 9.15 -25.22 -2.19
C VAL A 257 8.44 -25.70 -0.95
N ARG A 258 8.60 -26.98 -0.66
CA ARG A 258 7.99 -27.60 0.52
C ARG A 258 8.46 -26.91 1.81
N VAL A 259 9.73 -26.55 1.87
CA VAL A 259 10.22 -25.88 3.06
C VAL A 259 9.55 -24.52 3.25
N MET A 260 9.20 -23.85 2.14
CA MET A 260 8.47 -22.59 2.22
C MET A 260 7.17 -22.75 2.99
N ARG A 261 6.54 -23.92 2.87
CA ARG A 261 5.30 -24.15 3.56
C ARG A 261 5.51 -24.36 5.05
N SER A 262 6.60 -25.02 5.44
CA SER A 262 6.94 -25.17 6.87
C SER A 262 7.12 -23.78 7.42
N LEU A 263 7.85 -22.96 6.68
CA LEU A 263 8.13 -21.59 7.12
C LEU A 263 6.85 -20.80 7.36
N LEU A 264 5.94 -20.87 6.40
CA LEU A 264 4.70 -20.11 6.48
C LEU A 264 3.92 -20.57 7.68
N ALA A 265 3.95 -21.87 7.94
CA ALA A 265 3.26 -22.41 9.12
C ALA A 265 3.92 -21.95 10.44
N ALA A 266 5.23 -21.99 10.49
CA ALA A 266 5.94 -21.56 11.69
C ALA A 266 5.60 -20.12 12.04
N GLN A 267 5.52 -19.27 11.00
CA GLN A 267 5.10 -17.89 11.20
C GLN A 267 3.68 -17.76 11.72
N GLN A 268 2.76 -18.53 11.16
CA GLN A 268 1.38 -18.48 11.57
C GLN A 268 1.23 -19.04 12.97
N THR A 269 1.98 -20.06 13.27
CA THR A 269 2.08 -20.51 14.64
C THR A 269 2.57 -19.37 15.55
N PHE A 270 3.68 -18.76 15.15
CA PHE A 270 4.28 -17.69 15.94
C PHE A 270 3.28 -16.60 16.29
N VAL A 271 2.51 -16.20 15.30
CA VAL A 271 1.57 -15.13 15.43
C VAL A 271 0.37 -15.52 16.25
N ASP A 272 -0.03 -16.79 16.15
CA ASP A 272 -1.14 -17.26 16.97
C ASP A 272 -0.79 -17.12 18.46
N ARG A 273 0.45 -17.40 18.81
CA ARG A 273 0.89 -17.35 20.20
C ARG A 273 1.05 -15.92 20.67
N LEU A 274 1.60 -15.08 19.80
CA LEU A 274 1.70 -13.65 20.12
C LEU A 274 0.30 -13.08 20.42
N VAL A 275 -0.65 -13.39 19.55
CA VAL A 275 -2.01 -12.93 19.73
C VAL A 275 -2.52 -13.36 21.11
N HIS A 276 -2.33 -14.63 21.44
CA HIS A 276 -2.83 -15.19 22.69
C HIS A 276 -2.23 -14.49 23.88
N LEU A 277 -0.93 -14.23 23.77
CA LEU A 277 -0.18 -13.52 24.78
C LEU A 277 -0.75 -12.12 25.00
N MET A 278 -1.06 -11.44 23.90
CA MET A 278 -1.58 -10.10 23.97
C MET A 278 -2.95 -10.05 24.67
N LYS A 279 -3.78 -11.03 24.40
CA LYS A 279 -5.05 -11.09 25.07
C LYS A 279 -4.80 -11.16 26.58
N ALA A 280 -3.90 -12.03 26.99
CA ALA A 280 -3.58 -12.21 28.42
C ALA A 280 -3.16 -10.89 29.04
N VAL A 281 -2.29 -10.18 28.33
CA VAL A 281 -1.84 -8.87 28.79
C VAL A 281 -2.97 -7.81 28.87
N GLN A 282 -3.83 -7.79 27.84
CA GLN A 282 -4.93 -6.82 27.72
C GLN A 282 -6.07 -7.03 28.72
N ARG A 283 -6.05 -8.15 29.44
CA ARG A 283 -7.01 -8.48 30.48
C ARG A 283 -6.40 -8.28 31.87
N GLU A 284 -5.09 -8.12 31.93
CA GLU A 284 -4.40 -7.93 33.20
C GLU A 284 -4.85 -6.62 33.78
N SER A 285 -5.26 -6.69 35.06
CA SER A 285 -5.70 -5.51 35.82
C SER A 285 -4.53 -4.63 36.20
N GLY A 286 -4.83 -3.38 36.60
CA GLY A 286 -3.82 -2.51 37.19
C GLY A 286 -3.08 -1.65 36.18
N ASN A 287 -2.18 -0.82 36.71
CA ASN A 287 -1.44 0.18 35.92
C ASN A 287 -0.63 -0.45 34.80
N ARG A 288 -0.29 0.37 33.82
CA ARG A 288 0.48 -0.08 32.66
C ARG A 288 1.81 -0.68 33.07
N LYS A 289 2.43 -0.13 34.12
CA LYS A 289 3.70 -0.65 34.61
C LYS A 289 3.53 -2.09 35.02
N LYS A 290 2.39 -2.41 35.63
CA LYS A 290 2.13 -3.78 36.03
C LYS A 290 1.83 -4.65 34.84
N LYS A 291 1.09 -4.12 33.88
CA LYS A 291 0.78 -4.87 32.65
C LYS A 291 2.04 -5.15 31.79
N ASN A 292 3.06 -4.28 31.89
CA ASN A 292 4.33 -4.56 31.23
C ASN A 292 4.98 -5.80 31.84
N GLU A 293 5.04 -5.86 33.17
CA GLU A 293 5.66 -7.02 33.78
C GLU A 293 5.05 -8.34 33.27
N ARG A 294 3.76 -8.36 32.95
CA ARG A 294 3.13 -9.56 32.38
C ARG A 294 3.62 -9.85 30.96
N LEU A 295 3.64 -8.84 30.11
CA LEU A 295 4.15 -9.01 28.75
C LEU A 295 5.55 -9.59 28.73
N GLN A 296 6.42 -9.09 29.60
CA GLN A 296 7.80 -9.57 29.65
C GLN A 296 7.88 -10.96 30.27
N ALA A 297 7.05 -11.22 31.26
CA ALA A 297 7.00 -12.53 31.90
C ALA A 297 6.69 -13.60 30.88
N LEU A 298 5.64 -13.36 30.12
CA LEU A 298 5.15 -14.34 29.16
C LEU A 298 6.05 -14.56 27.95
N LEU A 299 6.66 -13.52 27.42
CA LEU A 299 7.60 -13.68 26.32
C LEU A 299 8.72 -14.62 26.76
N GLY A 300 9.22 -14.33 27.97
CA GLY A 300 10.32 -15.05 28.59
C GLY A 300 10.11 -16.52 28.90
N ASP A 301 8.86 -16.93 29.13
CA ASP A 301 8.58 -18.35 29.30
C ASP A 301 8.40 -19.03 27.94
N ASN A 302 9.43 -19.75 27.50
CA ASN A 302 9.37 -20.45 26.23
C ASN A 302 8.64 -21.79 26.31
N GLU A 303 8.49 -22.34 27.52
CA GLU A 303 7.68 -23.54 27.67
C GLU A 303 6.24 -23.18 27.27
N LYS A 304 5.58 -22.36 28.08
CA LYS A 304 4.23 -21.94 27.75
C LYS A 304 4.21 -21.44 26.31
N MET A 305 4.91 -20.34 26.02
CA MET A 305 4.65 -19.49 24.83
C MET A 305 5.47 -19.75 23.55
N ASN A 306 6.79 -19.95 23.67
CA ASN A 306 7.74 -20.25 22.56
C ASN A 306 8.24 -19.05 21.77
N LEU A 307 8.20 -17.86 22.39
CA LEU A 307 8.30 -16.62 21.64
C LEU A 307 9.67 -15.94 21.72
N SER A 308 10.49 -16.37 22.67
CA SER A 308 11.79 -15.77 22.88
C SER A 308 12.92 -16.46 22.14
N ASP A 309 12.71 -17.74 21.80
CA ASP A 309 13.71 -18.56 21.08
C ASP A 309 13.07 -19.44 19.97
N VAL A 310 13.32 -19.13 18.71
CA VAL A 310 12.84 -20.01 17.64
C VAL A 310 13.85 -20.20 16.53
N GLU A 311 13.63 -21.25 15.73
CA GLU A 311 14.47 -21.55 14.57
C GLU A 311 14.06 -20.49 13.60
N LEU A 312 15.00 -20.05 12.75
CA LEU A 312 14.87 -18.78 12.04
C LEU A 312 13.65 -18.78 11.12
N ILE A 313 12.74 -17.84 11.35
CA ILE A 313 11.59 -17.75 10.52
C ILE A 313 11.59 -16.39 9.87
N PRO A 314 11.06 -16.30 8.64
CA PRO A 314 10.94 -14.97 8.10
C PRO A 314 10.04 -14.11 8.98
N LEU A 315 10.42 -12.85 9.17
CA LEU A 315 9.55 -11.88 9.81
C LEU A 315 8.45 -11.57 8.82
N PRO A 316 7.19 -11.70 9.24
CA PRO A 316 6.05 -11.53 8.30
C PRO A 316 5.95 -10.12 7.74
N LEU A 317 6.37 -9.16 8.55
CA LEU A 317 6.45 -7.75 8.17
C LEU A 317 7.53 -7.42 7.13
N GLU A 318 8.63 -8.17 7.15
CA GLU A 318 9.72 -7.98 6.20
C GLU A 318 10.49 -9.29 6.05
N PRO A 319 9.95 -10.24 5.24
CA PRO A 319 10.42 -11.63 5.22
C PRO A 319 11.83 -11.84 4.73
N GLN A 320 12.43 -10.82 4.14
CA GLN A 320 13.87 -10.79 3.85
C GLN A 320 14.67 -10.94 5.17
N VAL A 321 14.14 -10.37 6.26
CA VAL A 321 14.70 -10.48 7.62
C VAL A 321 14.17 -11.76 8.31
N LYS A 322 15.06 -12.56 8.87
CA LYS A 322 14.69 -13.76 9.59
C LYS A 322 15.04 -13.51 11.05
N ILE A 323 14.34 -14.18 11.96
CA ILE A 323 14.36 -13.82 13.38
C ILE A 323 14.41 -15.02 14.35
N ARG A 324 15.24 -14.86 15.38
CA ARG A 324 15.49 -15.87 16.39
C ARG A 324 14.42 -15.84 17.46
N GLY A 325 13.86 -14.65 17.69
CA GLY A 325 12.79 -14.49 18.67
C GLY A 325 12.59 -13.05 19.08
N ILE A 326 11.71 -12.84 20.07
CA ILE A 326 11.49 -11.55 20.67
C ILE A 326 12.30 -11.45 21.93
N ILE A 327 12.93 -10.30 22.13
CA ILE A 327 13.67 -10.02 23.34
C ILE A 327 12.70 -9.64 24.45
N PRO A 328 12.57 -10.50 25.50
CA PRO A 328 11.56 -10.21 26.53
C PRO A 328 11.79 -8.95 27.35
N GLU A 329 13.04 -8.66 27.70
CA GLU A 329 13.31 -7.66 28.77
C GLU A 329 12.89 -6.22 28.39
N THR A 330 12.91 -5.94 27.09
CA THR A 330 12.73 -4.60 26.57
C THR A 330 11.33 -4.37 26.01
N ALA A 331 10.51 -5.41 25.97
CA ALA A 331 9.12 -5.25 25.56
C ALA A 331 8.31 -4.29 26.45
N THR A 332 7.61 -3.35 25.82
CA THR A 332 6.68 -2.47 26.53
C THR A 332 5.46 -2.11 25.71
N LEU A 333 4.50 -1.53 26.44
CA LEU A 333 3.24 -1.12 25.89
C LEU A 333 3.20 0.37 25.76
N PHE A 334 2.67 0.87 24.65
CA PHE A 334 2.42 2.28 24.56
C PHE A 334 1.27 2.70 25.48
N LYS A 335 1.18 4.01 25.71
CA LYS A 335 0.20 4.61 26.61
C LYS A 335 -1.24 4.36 26.17
N SER A 336 -1.47 4.45 24.86
CA SER A 336 -2.77 4.15 24.22
C SER A 336 -3.58 3.08 24.95
N ALA A 337 -4.88 3.28 25.04
CA ALA A 337 -5.74 2.34 25.78
C ALA A 337 -5.92 0.99 25.08
N LEU A 338 -5.71 1.01 23.75
CA LEU A 338 -5.65 -0.17 22.87
C LEU A 338 -4.47 -1.09 23.24
N MET A 339 -3.44 -0.53 23.89
CA MET A 339 -2.28 -1.26 24.31
C MET A 339 -1.58 -1.94 23.11
N PRO A 340 -1.02 -1.16 22.17
CA PRO A 340 -0.11 -1.79 21.26
C PRO A 340 1.23 -1.95 21.96
N ALA A 341 2.05 -2.89 21.50
CA ALA A 341 3.20 -3.28 22.22
C ALA A 341 4.39 -3.01 21.37
N GLN A 342 5.42 -2.39 21.93
CA GLN A 342 6.71 -2.31 21.25
C GLN A 342 7.52 -3.59 21.54
N LEU A 343 8.17 -4.14 20.51
CA LEU A 343 8.81 -5.44 20.60
C LEU A 343 10.03 -5.55 19.72
N PHE A 344 11.18 -5.89 20.31
CA PHE A 344 12.46 -6.02 19.56
C PHE A 344 12.73 -7.47 19.20
N PHE A 345 12.59 -7.79 17.92
CA PHE A 345 13.01 -9.07 17.40
C PHE A 345 14.54 -9.20 17.36
N LYS A 346 15.10 -10.38 17.67
CA LYS A 346 16.53 -10.58 17.37
C LYS A 346 16.63 -11.03 15.94
N THR A 347 17.31 -10.29 15.10
CA THR A 347 17.48 -10.76 13.76
C THR A 347 18.55 -11.83 13.71
N GLU A 348 18.60 -12.50 12.56
CA GLU A 348 19.66 -13.43 12.15
C GLU A 348 21.09 -12.95 12.43
N ASP A 349 21.36 -11.67 12.19
CA ASP A 349 22.68 -11.07 12.37
C ASP A 349 22.91 -10.54 13.78
N GLY A 350 21.95 -10.74 14.68
CA GLY A 350 22.05 -10.20 16.04
C GLY A 350 21.79 -8.73 16.11
N GLY A 351 21.22 -8.18 15.05
CA GLY A 351 20.64 -6.85 15.07
C GLY A 351 19.31 -6.89 15.81
N LYS A 352 18.72 -5.71 15.99
CA LYS A 352 17.38 -5.55 16.58
C LYS A 352 16.44 -4.97 15.52
N TYR A 353 15.25 -5.53 15.43
CA TYR A 353 14.23 -5.02 14.52
C TYR A 353 12.98 -4.76 15.38
N PRO A 354 12.83 -3.53 15.85
CA PRO A 354 11.67 -3.22 16.68
C PRO A 354 10.41 -3.10 15.83
N VAL A 355 9.29 -3.54 16.37
CA VAL A 355 8.03 -3.43 15.71
C VAL A 355 6.99 -2.94 16.69
N ILE A 356 5.82 -2.59 16.18
CA ILE A 356 4.62 -2.43 16.98
C ILE A 356 3.67 -3.55 16.63
N PHE A 357 3.14 -4.24 17.63
CA PHE A 357 2.12 -5.23 17.39
C PHE A 357 0.88 -4.73 18.07
N LYS A 358 -0.17 -4.64 17.27
CA LYS A 358 -1.40 -4.06 17.67
C LYS A 358 -2.31 -5.22 17.66
N HIS A 359 -3.07 -5.39 18.74
CA HIS A 359 -4.11 -6.37 18.76
C HIS A 359 -5.44 -5.77 19.18
N GLY A 360 -6.41 -5.90 18.28
CA GLY A 360 -7.75 -5.38 18.46
C GLY A 360 -7.98 -4.24 17.50
N ASP A 361 -7.06 -4.06 16.54
CA ASP A 361 -7.16 -2.99 15.57
C ASP A 361 -7.02 -3.50 14.12
N ASP A 362 -7.70 -2.83 13.20
CA ASP A 362 -7.66 -3.17 11.79
C ASP A 362 -6.62 -2.26 11.14
N LEU A 363 -5.52 -2.86 10.66
CA LEU A 363 -4.45 -2.06 10.08
C LEU A 363 -4.56 -1.90 8.60
N ARG A 364 -5.67 -2.30 7.99
CA ARG A 364 -5.69 -2.36 6.54
C ARG A 364 -5.62 -1.02 5.83
N GLN A 365 -6.24 0.00 6.40
CA GLN A 365 -6.12 1.36 5.82
C GLN A 365 -4.67 1.85 5.83
N ASP A 366 -4.07 1.89 7.04
CA ASP A 366 -2.65 2.15 7.24
C ASP A 366 -1.74 1.30 6.34
N GLN A 367 -2.10 0.03 6.18
CA GLN A 367 -1.33 -0.88 5.34
C GLN A 367 -1.34 -0.38 3.94
N LEU A 368 -2.52 -0.02 3.43
CA LEU A 368 -2.66 0.48 2.08
C LEU A 368 -1.89 1.74 1.91
N ILE A 369 -2.07 2.67 2.83
CA ILE A 369 -1.42 3.98 2.68
C ILE A 369 0.08 3.80 2.61
N LEU A 370 0.69 2.95 3.43
CA LEU A 370 2.15 2.77 3.38
C LEU A 370 2.62 1.97 2.17
N GLN A 371 1.72 1.17 1.63
CA GLN A 371 2.00 0.44 0.41
C GLN A 371 2.08 1.42 -0.78
N ILE A 372 1.29 2.48 -0.69
CA ILE A 372 1.22 3.47 -1.77
C ILE A 372 2.43 4.38 -1.72
N ILE A 373 2.64 4.93 -0.52
CA ILE A 373 3.80 5.75 -0.23
C ILE A 373 5.04 5.04 -0.68
N SER A 374 5.08 3.73 -0.43
CA SER A 374 6.21 2.91 -0.82
C SER A 374 6.33 2.98 -2.33
N LEU A 375 5.27 2.63 -3.06
CA LEU A 375 5.27 2.78 -4.51
C LEU A 375 5.59 4.20 -5.01
N MET A 376 4.95 5.21 -4.45
CA MET A 376 5.31 6.58 -4.85
C MET A 376 6.82 6.78 -4.76
N ASP A 377 7.39 6.45 -3.60
CA ASP A 377 8.81 6.58 -3.40
C ASP A 377 9.67 5.75 -4.33
N LYS A 378 9.28 4.53 -4.67
CA LYS A 378 10.00 3.81 -5.72
C LYS A 378 9.95 4.56 -7.04
N LEU A 379 8.76 5.07 -7.39
CA LEU A 379 8.62 5.74 -8.65
C LEU A 379 9.50 6.98 -8.74
N LEU A 380 9.41 7.82 -7.72
CA LEU A 380 10.23 9.01 -7.65
C LEU A 380 11.70 8.69 -7.84
N ARG A 381 12.18 7.64 -7.18
CA ARG A 381 13.57 7.23 -7.25
C ARG A 381 13.99 6.62 -8.61
N LYS A 382 13.03 6.04 -9.32
CA LYS A 382 13.27 5.61 -10.69
C LYS A 382 13.57 6.88 -11.52
N GLU A 383 12.86 7.97 -11.23
CA GLU A 383 13.08 9.25 -11.94
C GLU A 383 14.12 10.13 -11.23
N ASN A 384 14.97 9.49 -10.42
CA ASN A 384 16.11 10.12 -9.73
C ASN A 384 15.80 11.22 -8.76
N LEU A 385 14.81 11.01 -7.92
CA LEU A 385 14.44 11.99 -6.91
C LEU A 385 14.28 11.24 -5.63
N ASP A 386 15.23 11.43 -4.72
CA ASP A 386 15.21 10.64 -3.51
C ASP A 386 14.92 11.62 -2.43
N LEU A 387 13.66 11.65 -2.00
CA LEU A 387 13.19 12.59 -1.00
C LEU A 387 13.26 12.16 0.47
N LYS A 388 14.08 11.16 0.78
CA LYS A 388 14.29 10.81 2.18
C LYS A 388 12.97 10.51 2.94
N LEU A 389 12.12 9.77 2.24
CA LEU A 389 10.85 9.32 2.75
C LEU A 389 11.04 8.12 3.69
N THR A 390 10.01 7.86 4.50
CA THR A 390 10.03 6.79 5.48
C THR A 390 8.85 5.85 5.22
N PRO A 391 8.97 5.03 4.16
CA PRO A 391 7.89 4.15 3.89
C PRO A 391 8.05 2.96 4.82
N TYR A 392 7.66 3.13 6.08
CA TYR A 392 7.84 2.07 7.05
C TYR A 392 6.91 0.93 6.68
N LYS A 393 7.24 -0.30 7.05
CA LYS A 393 6.46 -1.47 6.64
C LYS A 393 5.26 -1.69 7.52
N VAL A 394 4.12 -1.99 6.91
CA VAL A 394 2.97 -2.37 7.67
C VAL A 394 2.45 -3.68 7.13
N LEU A 395 2.07 -4.57 8.04
CA LEU A 395 1.46 -5.82 7.68
C LEU A 395 0.34 -6.26 8.64
N ALA A 396 -0.82 -6.57 8.07
CA ALA A 396 -1.93 -7.05 8.86
C ALA A 396 -1.90 -8.56 8.89
N THR A 397 -1.83 -9.11 10.09
CA THR A 397 -1.82 -10.53 10.29
C THR A 397 -3.23 -11.04 10.43
N SER A 398 -4.15 -10.09 10.47
CA SER A 398 -5.57 -10.34 10.55
C SER A 398 -6.31 -9.02 10.41
N THR A 399 -7.63 -9.06 10.33
CA THR A 399 -8.48 -7.86 10.45
C THR A 399 -8.43 -7.28 11.84
N LYS A 400 -8.09 -8.13 12.80
CA LYS A 400 -8.05 -7.76 14.21
C LYS A 400 -6.64 -7.44 14.72
N HIS A 401 -5.59 -7.73 13.96
CA HIS A 401 -4.23 -7.47 14.46
C HIS A 401 -3.16 -7.44 13.39
N GLY A 402 -2.03 -6.80 13.72
CA GLY A 402 -0.93 -6.70 12.80
C GLY A 402 0.30 -6.05 13.39
N PHE A 403 1.30 -5.87 12.53
CA PHE A 403 2.60 -5.34 12.85
C PHE A 403 2.93 -4.04 12.11
N MET A 404 3.80 -3.24 12.72
CA MET A 404 4.30 -2.05 12.06
C MET A 404 5.79 -1.90 12.34
N GLN A 405 6.59 -1.70 11.30
CA GLN A 405 8.01 -1.45 11.52
C GLN A 405 8.16 -0.19 12.36
N PHE A 406 9.01 -0.22 13.39
CA PHE A 406 9.16 0.93 14.26
C PHE A 406 10.45 1.64 13.98
N ILE A 407 10.34 2.89 13.52
CA ILE A 407 11.49 3.70 13.03
C ILE A 407 12.03 4.59 14.14
N GLN A 408 13.32 4.51 14.47
CA GLN A 408 13.80 5.33 15.59
C GLN A 408 13.63 6.81 15.25
N SER A 409 12.91 7.54 16.09
CA SER A 409 12.44 8.86 15.75
C SER A 409 11.87 9.52 16.99
N VAL A 410 11.56 10.81 16.87
CA VAL A 410 10.95 11.59 17.94
C VAL A 410 9.77 12.33 17.39
N PRO A 411 8.63 12.29 18.10
CA PRO A 411 7.51 13.08 17.64
C PRO A 411 7.88 14.54 17.76
N VAL A 412 7.46 15.32 16.79
CA VAL A 412 7.73 16.74 16.81
C VAL A 412 7.21 17.39 18.06
N ALA A 413 6.14 16.85 18.64
CA ALA A 413 5.60 17.39 19.87
C ALA A 413 6.63 17.28 20.99
N GLU A 414 7.27 16.13 21.05
CA GLU A 414 8.25 15.89 22.09
C GLU A 414 9.43 16.79 21.80
N VAL A 415 9.74 16.97 20.53
CA VAL A 415 10.84 17.86 20.17
C VAL A 415 10.59 19.26 20.71
N LEU A 416 9.34 19.70 20.66
CA LEU A 416 8.95 21.00 21.21
C LEU A 416 9.11 21.04 22.71
N ASP A 417 8.60 20.05 23.41
CA ASP A 417 8.67 20.02 24.89
C ASP A 417 10.07 19.85 25.45
N THR A 418 11.02 19.45 24.63
CA THR A 418 12.35 19.19 25.13
C THR A 418 13.36 20.18 24.59
N GLU A 419 13.25 20.58 23.33
CA GLU A 419 14.29 21.42 22.73
C GLU A 419 13.77 22.72 22.13
N GLY A 420 12.50 23.03 22.37
CA GLY A 420 11.87 24.27 21.91
C GLY A 420 11.52 24.41 20.43
N SER A 421 12.20 23.68 19.55
CA SER A 421 12.13 23.95 18.12
C SER A 421 12.84 22.89 17.32
N ILE A 422 12.32 22.61 16.14
CA ILE A 422 12.97 21.71 15.22
C ILE A 422 14.42 22.10 14.94
N GLN A 423 14.70 23.39 14.83
CA GLN A 423 16.10 23.79 14.60
C GLN A 423 17.00 23.58 15.81
N ASN A 424 16.50 23.92 17.00
CA ASN A 424 17.24 23.67 18.24
C ASN A 424 17.61 22.21 18.40
N PHE A 425 16.62 21.36 18.14
CA PHE A 425 16.79 19.91 18.11
C PHE A 425 17.92 19.51 17.17
N PHE A 426 17.92 20.06 15.97
CA PHE A 426 18.91 19.68 14.99
C PHE A 426 20.27 20.19 15.35
N ARG A 427 20.30 21.30 16.07
CA ARG A 427 21.58 21.87 16.57
C ARG A 427 22.15 21.05 17.74
N LYS A 428 21.29 20.38 18.50
CA LYS A 428 21.72 19.48 19.55
C LYS A 428 22.33 18.19 19.00
N TYR A 429 21.68 17.55 18.03
CA TYR A 429 22.11 16.22 17.57
C TYR A 429 22.93 16.21 16.25
N ALA A 430 22.86 17.31 15.51
CA ALA A 430 23.50 17.37 14.19
C ALA A 430 24.10 18.75 13.95
N PRO A 431 24.88 19.25 14.93
CA PRO A 431 25.49 20.56 14.84
C PRO A 431 26.58 20.66 13.76
N SER A 432 26.70 21.83 13.15
CA SER A 432 27.82 22.17 12.29
C SER A 432 28.00 23.68 12.39
N GLU A 433 29.25 24.13 12.45
CA GLU A 433 29.56 25.57 12.52
C GLU A 433 29.40 26.19 11.13
N ASN A 434 29.87 25.47 10.10
CA ASN A 434 29.73 25.90 8.71
C ASN A 434 28.31 25.85 8.12
N GLY A 435 27.46 24.96 8.63
CA GLY A 435 26.16 24.70 8.00
C GLY A 435 25.05 25.72 8.31
N PRO A 436 23.97 25.71 7.50
CA PRO A 436 22.84 26.63 7.68
C PRO A 436 22.30 26.67 9.11
N ASN A 437 22.21 27.85 9.69
CA ASN A 437 21.63 28.04 11.01
C ASN A 437 22.20 27.10 12.07
N GLY A 438 23.52 26.90 12.02
CA GLY A 438 24.19 26.00 12.93
C GLY A 438 23.99 24.50 12.74
N ILE A 439 23.50 24.08 11.56
CA ILE A 439 23.03 22.69 11.36
C ILE A 439 23.73 21.99 10.19
N SER A 440 24.13 20.73 10.36
CA SER A 440 24.72 19.97 9.25
C SER A 440 23.92 20.12 7.97
N ALA A 441 24.61 20.44 6.89
CA ALA A 441 24.03 20.56 5.57
C ALA A 441 23.18 19.35 5.19
N GLU A 442 23.75 18.15 5.42
CA GLU A 442 23.13 16.88 5.03
C GLU A 442 21.81 16.72 5.77
N VAL A 443 21.85 17.01 7.06
CA VAL A 443 20.63 16.96 7.87
C VAL A 443 19.55 17.93 7.42
N MET A 444 19.93 19.17 7.10
CA MET A 444 18.95 20.13 6.62
C MET A 444 18.41 19.71 5.24
N ASP A 445 19.29 19.27 4.37
CA ASP A 445 18.92 18.81 3.04
C ASP A 445 17.89 17.68 3.09
N THR A 446 18.16 16.72 3.97
CA THR A 446 17.30 15.57 4.18
C THR A 446 15.97 16.09 4.65
N TYR A 447 16.01 16.96 5.65
CA TYR A 447 14.77 17.55 6.20
C TYR A 447 13.96 18.35 5.18
N VAL A 448 14.60 19.08 4.30
CA VAL A 448 13.87 19.86 3.33
C VAL A 448 13.16 18.94 2.34
N LYS A 449 13.91 17.99 1.81
CA LYS A 449 13.38 17.06 0.87
C LYS A 449 12.20 16.26 1.41
N SER A 450 12.34 15.68 2.59
CA SER A 450 11.25 14.87 3.16
C SER A 450 10.05 15.74 3.51
N CYS A 451 10.31 16.95 3.95
CA CYS A 451 9.23 17.86 4.26
C CYS A 451 8.41 18.05 2.99
N ALA A 452 9.08 18.20 1.87
CA ALA A 452 8.43 18.40 0.60
C ALA A 452 7.66 17.16 0.18
N GLY A 453 8.34 16.02 0.15
CA GLY A 453 7.74 14.72 -0.20
C GLY A 453 6.41 14.46 0.50
N TYR A 454 6.38 14.61 1.81
CA TYR A 454 5.14 14.31 2.59
C TYR A 454 4.11 15.36 2.34
N CYS A 455 4.55 16.60 2.29
CA CYS A 455 3.67 17.66 1.98
C CYS A 455 2.77 17.38 0.73
N VAL A 456 3.42 17.01 -0.38
CA VAL A 456 2.77 16.61 -1.62
C VAL A 456 1.89 15.37 -1.45
N ILE A 457 2.52 14.30 -0.95
CA ILE A 457 1.90 12.99 -0.88
C ILE A 457 0.73 13.01 0.06
N THR A 458 0.87 13.62 1.24
CA THR A 458 -0.24 13.67 2.19
C THR A 458 -1.34 14.51 1.60
N TYR A 459 -1.01 15.51 0.79
CA TYR A 459 -2.02 16.30 0.04
C TYR A 459 -2.79 15.44 -1.00
N ILE A 460 -2.03 14.77 -1.86
CA ILE A 460 -2.55 13.81 -2.83
C ILE A 460 -3.38 12.73 -2.20
N LEU A 461 -3.03 12.29 -1.02
CA LEU A 461 -3.86 11.25 -0.40
C LEU A 461 -4.83 11.82 0.62
N GLY A 462 -4.95 13.15 0.65
CA GLY A 462 -5.91 13.79 1.53
C GLY A 462 -5.89 13.30 2.96
N VAL A 463 -4.69 13.08 3.46
CA VAL A 463 -4.51 12.54 4.78
C VAL A 463 -4.83 13.60 5.79
N GLY A 464 -5.80 13.34 6.66
CA GLY A 464 -6.19 14.28 7.71
C GLY A 464 -5.81 13.83 9.10
N ASP A 465 -6.40 14.47 10.11
CA ASP A 465 -6.17 14.17 11.53
C ASP A 465 -4.74 14.39 11.97
N ARG A 466 -4.13 15.45 11.44
CA ARG A 466 -2.72 15.68 11.63
C ARG A 466 -2.41 16.46 12.85
N HIS A 467 -1.38 16.01 13.56
CA HIS A 467 -0.93 16.64 14.78
C HIS A 467 0.55 16.45 14.99
N LEU A 468 1.09 17.15 15.97
CA LEU A 468 2.52 17.01 16.32
C LEU A 468 2.84 15.64 16.93
N ASP A 469 1.78 14.94 17.39
CA ASP A 469 1.77 13.49 17.71
C ASP A 469 2.13 12.59 16.55
N ASN A 470 1.44 12.76 15.42
CA ASN A 470 1.66 11.96 14.19
C ASN A 470 2.86 12.35 13.32
N LEU A 471 3.49 13.47 13.65
CA LEU A 471 4.56 14.00 12.86
C LEU A 471 5.87 13.76 13.62
N LEU A 472 6.74 12.99 12.98
CA LEU A 472 7.87 12.42 13.63
C LEU A 472 9.07 12.81 12.87
N LEU A 473 10.16 12.97 13.60
CA LEU A 473 11.40 13.48 13.07
C LEU A 473 12.58 12.63 13.53
N THR A 474 13.61 12.61 12.72
CA THR A 474 14.72 11.69 12.83
C THR A 474 15.99 12.50 12.97
N LYS A 475 16.88 12.11 13.87
CA LYS A 475 18.09 12.87 14.07
C LYS A 475 18.89 13.01 12.77
N THR A 476 18.72 12.09 11.83
CA THR A 476 19.27 12.24 10.44
C THR A 476 18.52 13.26 9.53
N GLY A 477 17.51 13.92 10.08
CA GLY A 477 16.77 14.96 9.38
C GLY A 477 15.47 14.48 8.70
N LYS A 478 15.21 13.18 8.73
CA LYS A 478 14.02 12.63 8.12
C LYS A 478 12.76 13.01 8.89
N LEU A 479 11.81 13.60 8.16
CA LEU A 479 10.52 13.94 8.70
C LEU A 479 9.50 12.99 8.07
N PHE A 480 8.55 12.51 8.87
CA PHE A 480 7.53 11.61 8.36
C PHE A 480 6.25 11.60 9.19
N HIS A 481 5.20 11.12 8.52
CA HIS A 481 3.88 11.01 9.10
C HIS A 481 3.54 9.54 9.45
N ILE A 482 2.60 9.36 10.39
CA ILE A 482 2.17 8.04 10.81
C ILE A 482 0.66 8.04 11.06
N ASP A 483 0.09 6.92 11.52
CA ASP A 483 -1.28 6.92 12.05
C ASP A 483 -2.30 7.47 11.03
N PHE A 484 -2.60 6.67 10.01
CA PHE A 484 -3.42 7.09 8.88
C PHE A 484 -4.83 6.65 9.05
N GLY A 485 -5.41 7.07 10.17
CA GLY A 485 -6.80 6.84 10.49
C GLY A 485 -7.75 7.52 9.57
N TYR A 486 -7.42 8.73 9.17
CA TYR A 486 -8.27 9.52 8.28
C TYR A 486 -7.55 9.88 6.98
N ILE A 487 -8.18 9.59 5.85
CA ILE A 487 -7.58 9.83 4.55
C ILE A 487 -8.61 10.26 3.55
N LEU A 488 -8.19 10.54 2.33
CA LEU A 488 -9.12 10.91 1.27
C LEU A 488 -10.14 11.94 1.73
N GLY A 489 -9.67 12.92 2.50
CA GLY A 489 -10.47 14.06 2.81
C GLY A 489 -11.42 13.95 3.99
N ARG A 490 -11.35 12.85 4.72
CA ARG A 490 -11.96 12.83 6.04
C ARG A 490 -11.08 13.54 7.08
N ASP A 491 -11.69 13.87 8.22
CA ASP A 491 -11.00 14.50 9.33
C ASP A 491 -11.94 14.50 10.54
N PRO A 492 -11.40 14.40 11.76
CA PRO A 492 -12.29 14.52 12.93
C PRO A 492 -12.98 15.88 13.02
N LYS A 493 -12.23 16.93 12.69
CA LYS A 493 -12.71 18.30 12.76
C LYS A 493 -13.28 18.68 11.39
N PRO A 494 -14.13 19.71 11.35
CA PRO A 494 -14.68 20.08 10.05
C PRO A 494 -13.71 20.99 9.32
N LEU A 495 -13.94 21.18 8.02
CA LEU A 495 -13.12 22.10 7.20
C LEU A 495 -11.61 21.85 7.27
N PRO A 496 -11.19 20.61 7.01
CA PRO A 496 -9.76 20.38 7.08
C PRO A 496 -9.07 21.09 5.91
N PRO A 497 -7.87 21.64 6.16
CA PRO A 497 -7.04 22.17 5.06
C PRO A 497 -6.57 21.14 4.03
N PRO A 498 -6.50 21.52 2.75
CA PRO A 498 -5.99 20.59 1.73
C PRO A 498 -4.47 20.42 1.72
N MET A 499 -3.74 21.40 2.26
CA MET A 499 -2.29 21.33 2.36
C MET A 499 -1.98 21.20 3.83
N LYS A 500 -1.15 20.22 4.21
CA LYS A 500 -0.96 19.92 5.64
C LYS A 500 0.34 20.42 6.26
N LEU A 501 0.60 21.71 6.13
CA LEU A 501 1.80 22.35 6.68
C LEU A 501 1.52 23.00 8.03
N ASN A 502 2.59 23.36 8.73
CA ASN A 502 2.41 24.09 9.99
C ASN A 502 3.60 24.95 10.38
N LYS A 503 3.33 25.90 11.28
CA LYS A 503 4.32 26.85 11.71
C LYS A 503 5.62 26.14 12.03
N GLU A 504 5.56 24.99 12.68
CA GLU A 504 6.77 24.28 13.13
C GLU A 504 7.59 23.70 12.02
N MET A 505 6.94 23.21 10.96
CA MET A 505 7.65 22.70 9.80
C MET A 505 8.44 23.83 9.17
N VAL A 506 7.72 24.91 8.89
CA VAL A 506 8.30 26.07 8.21
C VAL A 506 9.46 26.67 9.00
N GLU A 507 9.27 26.89 10.29
CA GLU A 507 10.34 27.43 11.13
C GLU A 507 11.62 26.60 11.00
N GLY A 508 11.53 25.28 11.10
CA GLY A 508 12.71 24.42 10.97
C GLY A 508 13.47 24.51 9.65
N MET A 509 12.80 25.04 8.63
CA MET A 509 13.46 25.39 7.36
C MET A 509 14.12 26.77 7.44
N GLY A 510 13.80 27.53 8.48
CA GLY A 510 14.33 28.88 8.66
C GLY A 510 13.41 29.95 8.10
N GLY A 511 12.12 29.72 8.18
CA GLY A 511 11.16 30.70 7.67
C GLY A 511 11.14 30.81 6.16
N THR A 512 10.10 31.49 5.71
CA THR A 512 9.83 31.68 4.30
C THR A 512 10.96 32.41 3.51
N GLN A 513 11.85 33.10 4.23
CA GLN A 513 12.89 33.90 3.61
C GLN A 513 14.16 33.14 3.34
N SER A 514 14.23 31.84 3.66
CA SER A 514 15.50 31.08 3.58
C SER A 514 15.74 30.39 2.24
N GLU A 515 17.02 30.12 1.97
CA GLU A 515 17.38 29.35 0.80
C GLU A 515 16.70 28.00 0.84
N GLN A 516 16.63 27.40 2.02
CA GLN A 516 16.00 26.10 2.16
C GLN A 516 14.56 26.15 1.66
N TYR A 517 13.80 27.16 2.10
CA TYR A 517 12.41 27.24 1.73
C TYR A 517 12.22 27.30 0.22
N GLN A 518 13.11 27.98 -0.49
CA GLN A 518 13.07 27.96 -1.96
C GLN A 518 13.23 26.56 -2.50
N GLU A 519 14.17 25.80 -1.93
CA GLU A 519 14.41 24.42 -2.34
C GLU A 519 13.20 23.52 -2.02
N PHE A 520 12.59 23.76 -0.87
CA PHE A 520 11.33 23.15 -0.52
C PHE A 520 10.26 23.38 -1.59
N ARG A 521 10.00 24.63 -1.90
CA ARG A 521 9.06 24.92 -2.95
C ARG A 521 9.38 24.11 -4.20
N LYS A 522 10.66 24.08 -4.52
CA LYS A 522 11.10 23.54 -5.78
C LYS A 522 10.92 22.04 -5.76
N GLN A 523 11.31 21.40 -4.66
CA GLN A 523 11.11 19.95 -4.57
C GLN A 523 9.61 19.54 -4.58
N CYS A 524 8.71 20.35 -4.03
CA CYS A 524 7.29 20.06 -4.10
C CYS A 524 6.81 20.02 -5.55
N TYR A 525 6.94 21.11 -6.27
CA TYR A 525 6.37 21.11 -7.59
C TYR A 525 7.04 20.03 -8.46
N THR A 526 8.32 19.75 -8.21
CA THR A 526 8.99 18.74 -8.99
C THR A 526 8.41 17.37 -8.68
N ALA A 527 8.22 17.09 -7.39
CA ALA A 527 7.60 15.83 -6.99
C ALA A 527 6.17 15.69 -7.55
N PHE A 528 5.46 16.81 -7.62
CA PHE A 528 4.08 16.81 -8.08
C PHE A 528 4.03 16.43 -9.53
N LEU A 529 4.90 17.02 -10.33
CA LEU A 529 5.05 16.63 -11.74
C LEU A 529 5.45 15.20 -11.91
N HIS A 530 6.29 14.67 -11.05
CA HIS A 530 6.68 13.28 -11.24
C HIS A 530 5.53 12.37 -10.95
N LEU A 531 4.76 12.67 -9.92
CA LEU A 531 3.67 11.77 -9.52
C LEU A 531 2.50 11.83 -10.49
N ARG A 532 2.34 12.95 -11.16
CA ARG A 532 1.33 13.09 -12.17
C ARG A 532 1.59 12.14 -13.34
N ARG A 533 2.85 11.85 -13.63
CA ARG A 533 3.17 10.93 -14.72
C ARG A 533 2.69 9.54 -14.42
N TYR A 534 2.41 9.25 -13.17
CA TYR A 534 2.00 7.91 -12.76
C TYR A 534 0.55 7.89 -12.25
N SER A 535 -0.23 8.87 -12.66
CA SER A 535 -1.60 8.97 -12.18
C SER A 535 -2.40 7.75 -12.59
N ASN A 536 -2.15 7.28 -13.80
CA ASN A 536 -2.82 6.11 -14.30
C ASN A 536 -2.64 4.94 -13.32
N LEU A 537 -1.38 4.67 -13.01
CA LEU A 537 -1.06 3.54 -12.18
C LEU A 537 -1.71 3.73 -10.82
N ILE A 538 -1.46 4.85 -10.20
CA ILE A 538 -1.96 5.06 -8.87
C ILE A 538 -3.50 4.94 -8.86
N LEU A 539 -4.15 5.54 -9.84
CA LEU A 539 -5.60 5.50 -9.93
C LEU A 539 -6.14 4.09 -10.12
N ASN A 540 -5.53 3.31 -10.98
CA ASN A 540 -5.94 1.90 -11.13
C ASN A 540 -5.81 1.14 -9.82
N LEU A 541 -4.72 1.42 -9.11
CA LEU A 541 -4.49 0.77 -7.85
C LEU A 541 -5.52 1.10 -6.82
N PHE A 542 -5.96 2.35 -6.72
CA PHE A 542 -7.05 2.66 -5.77
C PHE A 542 -8.34 2.08 -6.29
N SER A 543 -8.44 2.00 -7.60
CA SER A 543 -9.64 1.52 -8.23
C SER A 543 -9.91 0.08 -7.88
N LEU A 544 -8.85 -0.70 -7.65
CA LEU A 544 -8.98 -2.07 -7.15
C LEU A 544 -9.30 -2.21 -5.67
N MET A 545 -9.28 -1.12 -4.90
CA MET A 545 -9.60 -1.17 -3.46
C MET A 545 -11.06 -0.77 -3.11
N VAL A 546 -11.93 -0.63 -4.11
CA VAL A 546 -13.30 -0.18 -3.86
C VAL A 546 -14.09 -1.16 -3.03
N ASP A 547 -13.82 -2.46 -3.16
CA ASP A 547 -14.51 -3.43 -2.32
C ASP A 547 -13.69 -3.92 -1.15
N ALA A 548 -12.59 -3.27 -0.85
CA ALA A 548 -11.66 -3.84 0.09
C ALA A 548 -12.02 -3.61 1.55
N ASN A 549 -13.10 -2.90 1.84
CA ASN A 549 -13.48 -2.63 3.26
C ASN A 549 -12.42 -1.91 4.03
N ILE A 550 -11.96 -0.82 3.43
CA ILE A 550 -11.08 0.13 4.02
C ILE A 550 -12.03 1.27 4.43
N PRO A 551 -12.07 1.59 5.72
CA PRO A 551 -13.18 2.43 6.17
C PRO A 551 -13.42 3.66 5.31
N ASP A 552 -12.40 4.47 5.10
CA ASP A 552 -12.54 5.75 4.37
C ASP A 552 -12.81 5.58 2.90
N ILE A 553 -12.60 4.40 2.36
CA ILE A 553 -12.96 4.13 0.97
C ILE A 553 -14.37 3.57 0.88
N ALA A 554 -14.77 2.80 1.88
CA ALA A 554 -16.08 2.15 1.94
C ALA A 554 -17.25 3.10 2.35
N LEU A 555 -16.96 4.34 2.68
CA LEU A 555 -18.03 5.33 2.79
C LEU A 555 -18.66 5.56 1.42
N GLU A 556 -17.82 5.89 0.44
CA GLU A 556 -18.29 6.28 -0.88
C GLU A 556 -17.43 5.59 -1.93
N PRO A 557 -17.41 4.25 -1.93
CA PRO A 557 -16.57 3.51 -2.88
C PRO A 557 -16.66 4.08 -4.29
N ASP A 558 -17.89 4.06 -4.80
CA ASP A 558 -18.29 4.74 -6.03
C ASP A 558 -17.53 6.07 -6.35
N LYS A 559 -17.15 6.83 -5.32
CA LYS A 559 -16.67 8.21 -5.49
C LYS A 559 -15.25 8.43 -4.96
N THR A 560 -14.48 7.38 -4.66
CA THR A 560 -13.14 7.61 -4.05
C THR A 560 -11.99 7.86 -5.01
N VAL A 561 -11.98 7.17 -6.15
CA VAL A 561 -10.91 7.36 -7.12
C VAL A 561 -10.85 8.82 -7.61
N LYS A 562 -12.02 9.41 -7.81
CA LYS A 562 -12.09 10.78 -8.27
C LYS A 562 -11.48 11.73 -7.24
N LYS A 563 -11.77 11.52 -5.96
CA LYS A 563 -11.13 12.28 -4.88
C LYS A 563 -9.62 12.37 -5.05
N VAL A 564 -9.00 11.23 -5.33
CA VAL A 564 -7.58 11.20 -5.64
C VAL A 564 -7.30 11.84 -7.00
N GLN A 565 -8.06 11.46 -8.04
CA GLN A 565 -7.78 11.96 -9.42
C GLN A 565 -7.81 13.48 -9.52
N ASP A 566 -8.61 14.11 -8.68
CA ASP A 566 -8.72 15.54 -8.66
C ASP A 566 -7.42 16.16 -8.16
N LYS A 567 -6.82 15.59 -7.12
CA LYS A 567 -5.55 16.13 -6.61
C LYS A 567 -4.47 16.32 -7.68
N PHE A 568 -4.46 15.46 -8.70
CA PHE A 568 -3.45 15.51 -9.77
C PHE A 568 -3.61 16.70 -10.73
N ARG A 569 -4.75 17.37 -10.69
CA ARG A 569 -5.06 18.44 -11.64
C ARG A 569 -4.62 18.11 -13.08
N LEU A 570 -5.13 16.99 -13.56
CA LEU A 570 -4.82 16.50 -14.89
C LEU A 570 -5.34 17.40 -15.99
N ASP A 571 -6.30 18.24 -15.66
CA ASP A 571 -6.73 19.29 -16.59
C ASP A 571 -5.59 20.29 -16.88
N LEU A 572 -4.72 20.55 -15.89
CA LEU A 572 -3.64 21.56 -16.04
C LEU A 572 -2.46 20.97 -16.78
N SER A 573 -1.73 21.81 -17.51
CA SER A 573 -0.44 21.40 -18.12
C SER A 573 0.63 21.32 -17.05
N ASP A 574 1.79 20.76 -17.38
CA ASP A 574 2.82 20.63 -16.37
C ASP A 574 3.11 22.02 -15.81
N GLU A 575 3.35 22.98 -16.70
CA GLU A 575 3.70 24.32 -16.31
C GLU A 575 2.61 24.98 -15.47
N GLU A 576 1.36 24.84 -15.87
CA GLU A 576 0.28 25.34 -15.05
C GLU A 576 0.25 24.61 -13.72
N ALA A 577 0.57 23.32 -13.73
CA ALA A 577 0.50 22.49 -12.52
C ALA A 577 1.56 22.88 -11.50
N VAL A 578 2.65 23.45 -12.00
CA VAL A 578 3.65 24.04 -11.13
C VAL A 578 3.11 25.28 -10.41
N HIS A 579 2.36 26.11 -11.12
CA HIS A 579 1.80 27.27 -10.49
C HIS A 579 0.65 26.92 -9.57
N TYR A 580 -0.03 25.81 -9.83
CA TYR A 580 -1.04 25.33 -8.90
C TYR A 580 -0.41 24.94 -7.53
N MET A 581 0.66 24.16 -7.56
CA MET A 581 1.30 23.74 -6.33
C MET A 581 1.85 24.95 -5.59
N GLN A 582 2.35 25.93 -6.33
CA GLN A 582 2.92 27.11 -5.68
C GLN A 582 1.83 27.94 -5.03
N SER A 583 0.66 27.99 -5.66
CA SER A 583 -0.52 28.64 -5.07
C SER A 583 -0.89 27.99 -3.78
N LEU A 584 -0.95 26.66 -3.84
CA LEU A 584 -1.37 25.86 -2.72
C LEU A 584 -0.47 26.11 -1.53
N ILE A 585 0.83 26.07 -1.78
CA ILE A 585 1.77 26.34 -0.72
C ILE A 585 1.53 27.75 -0.17
N ASP A 586 1.30 28.72 -1.05
CA ASP A 586 1.13 30.09 -0.59
C ASP A 586 -0.07 30.31 0.34
N GLU A 587 -1.25 29.88 -0.08
CA GLU A 587 -2.41 29.87 0.78
C GLU A 587 -2.10 29.29 2.15
N SER A 588 -1.50 28.10 2.13
CA SER A 588 -1.28 27.34 3.33
C SER A 588 -0.47 28.14 4.33
N VAL A 589 0.65 28.63 3.86
CA VAL A 589 1.63 29.34 4.67
C VAL A 589 1.07 30.66 5.20
N HIS A 590 0.24 31.33 4.40
CA HIS A 590 -0.45 32.53 4.87
C HIS A 590 -1.45 32.25 6.01
N ALA A 591 -1.86 30.99 6.19
CA ALA A 591 -2.67 30.54 7.36
C ALA A 591 -1.90 29.61 8.35
C1 RBQ B . 2.44 4.68 16.19
N2 RBQ B . 3.70 4.60 15.81
N3 RBQ B . 1.37 4.50 15.34
C4 RBQ B . 3.94 4.34 14.49
N5 RBQ B . 2.19 4.93 17.51
C6 RBQ B . 1.57 4.21 13.98
C7 RBQ B . 2.91 4.13 13.59
C8 RBQ B . 0.85 4.97 18.12
C9 RBQ B . 0.60 3.61 18.75
N10 RBQ B . 5.24 4.36 14.12
C11 RBQ B . -0.04 4.60 15.80
C12 RBQ B . -0.21 5.36 17.11
O13 RBQ B . 0.59 4.01 13.24
F14 RBQ B . 0.59 2.65 17.84
F15 RBQ B . 1.54 3.31 19.63
F16 RBQ B . -0.57 3.55 19.38
O17 RBQ B . 7.97 4.22 13.37
C18 RBQ B . 3.29 5.23 18.44
C19 RBQ B . 5.67 3.56 12.97
C20 RBQ B . 6.31 4.54 15.12
C21 RBQ B . 3.09 6.67 18.81
O22 RBQ B . 4.39 7.20 18.55
C23 RBQ B . 7.55 5.06 14.46
C24 RBQ B . 6.93 4.12 12.39
C25 RBQ B . 5.23 7.34 19.67
C26 RBQ B . 4.81 8.70 20.20
C27 RBQ B . 6.68 7.23 19.19
#